data_2FRH
#
_entry.id   2FRH
#
_cell.length_a   65.338
_cell.length_b   65.338
_cell.length_c   237.289
_cell.angle_alpha   90.00
_cell.angle_beta   90.00
_cell.angle_gamma   120.00
#
_symmetry.space_group_name_H-M   'P 61 2 2'
#
loop_
_entity.id
_entity.type
_entity.pdbx_description
1 polymer 'Staphylococcal accessory regulator A'
2 non-polymer 'CALCIUM ION'
#
_entity_poly.entity_id   1
_entity_poly.type   'polypeptide(L)'
_entity_poly.pdbx_seq_one_letter_code
;GSHMAITKINDCFELLSMVTYADKLKSLIKKEFSISFEEFAVLTYISENKEKEYYLKDIINHLNYKQPQVVKAVKILSQE
DYFDKKRNEHDERTVLILVNAQQRKKIESLLSRVNKRITEANNEIEL
;
_entity_poly.pdbx_strand_id   A,B
#
loop_
_chem_comp.id
_chem_comp.type
_chem_comp.name
_chem_comp.formula
CA non-polymer 'CALCIUM ION' 'Ca 2'
#
# COMPACT_ATOMS: atom_id res chain seq x y z
N GLY A 1 7.39 8.72 20.30
CA GLY A 1 7.00 8.48 21.72
C GLY A 1 6.46 7.08 21.97
N SER A 2 5.48 6.68 21.16
CA SER A 2 4.90 5.36 21.26
C SER A 2 4.88 4.76 19.88
N HIS A 3 5.18 3.47 19.77
CA HIS A 3 5.17 2.77 18.49
C HIS A 3 6.41 2.98 17.64
N MET A 4 6.95 1.87 17.16
CA MET A 4 8.11 1.91 16.32
C MET A 4 7.83 2.77 15.06
N ALA A 5 8.69 3.75 14.82
CA ALA A 5 8.57 4.61 13.65
C ALA A 5 8.85 3.75 12.42
N ILE A 6 8.33 4.17 11.29
CA ILE A 6 8.57 3.44 10.06
C ILE A 6 9.84 3.98 9.43
N THR A 7 10.74 3.09 9.06
CA THR A 7 11.99 3.48 8.44
C THR A 7 11.71 3.79 7.00
N LYS A 8 12.31 4.87 6.53
CA LYS A 8 12.17 5.32 5.15
C LYS A 8 13.00 4.44 4.21
N ILE A 9 12.52 4.32 2.98
CA ILE A 9 13.25 3.56 1.97
C ILE A 9 13.87 4.64 1.10
N ASN A 10 14.86 4.30 0.29
CA ASN A 10 15.47 5.31 -0.55
C ASN A 10 15.69 4.86 -2.00
N ASP A 11 15.07 3.76 -2.40
CA ASP A 11 15.19 3.34 -3.79
C ASP A 11 14.02 2.46 -4.19
N CYS A 12 13.84 2.29 -5.50
CA CYS A 12 12.72 1.53 -6.06
C CYS A 12 12.48 0.13 -5.54
N PHE A 13 13.53 -0.66 -5.45
CA PHE A 13 13.38 -2.03 -4.97
C PHE A 13 12.86 -2.07 -3.53
N GLU A 14 13.28 -1.12 -2.71
CA GLU A 14 12.83 -1.11 -1.32
C GLU A 14 11.39 -0.66 -1.26
N LEU A 15 11.03 0.26 -2.14
CA LEU A 15 9.66 0.74 -2.21
C LEU A 15 8.77 -0.45 -2.55
N LEU A 16 9.14 -1.13 -3.63
CA LEU A 16 8.37 -2.28 -4.09
C LEU A 16 8.17 -3.30 -2.97
N SER A 17 9.24 -3.62 -2.25
CA SER A 17 9.13 -4.58 -1.17
C SER A 17 8.19 -4.09 -0.11
N MET A 18 8.35 -2.83 0.27
CA MET A 18 7.49 -2.28 1.32
C MET A 18 6.02 -2.42 0.92
N VAL A 19 5.70 -2.06 -0.31
CA VAL A 19 4.33 -2.14 -0.81
C VAL A 19 3.85 -3.59 -0.84
N THR A 20 4.70 -4.49 -1.33
CA THR A 20 4.33 -5.89 -1.38
C THR A 20 3.98 -6.35 0.03
N TYR A 21 4.87 -6.08 0.98
CA TYR A 21 4.61 -6.47 2.36
C TYR A 21 3.35 -5.80 2.94
N ALA A 22 3.15 -4.52 2.65
CA ALA A 22 1.98 -3.82 3.18
C ALA A 22 0.69 -4.32 2.54
N ASP A 23 0.73 -4.64 1.24
CA ASP A 23 -0.46 -5.12 0.56
C ASP A 23 -0.89 -6.46 1.14
N LYS A 24 0.07 -7.33 1.40
CA LYS A 24 -0.26 -8.63 1.96
C LYS A 24 -0.95 -8.48 3.30
N LEU A 25 -0.41 -7.66 4.18
CA LEU A 25 -1.06 -7.51 5.48
C LEU A 25 -2.42 -6.87 5.34
N LYS A 26 -2.58 -5.95 4.39
CA LYS A 26 -3.88 -5.32 4.19
C LYS A 26 -4.94 -6.30 3.71
N SER A 27 -4.61 -7.07 2.67
CA SER A 27 -5.55 -8.02 2.12
C SER A 27 -5.96 -9.08 3.14
N LEU A 28 -5.02 -9.47 4.00
CA LEU A 28 -5.30 -10.45 5.03
C LEU A 28 -6.31 -9.88 6.03
N ILE A 29 -5.99 -8.72 6.57
CA ILE A 29 -6.89 -8.09 7.53
C ILE A 29 -8.29 -7.96 6.93
N LYS A 30 -8.36 -7.69 5.64
CA LYS A 30 -9.64 -7.58 4.96
C LYS A 30 -10.27 -8.97 4.79
N LYS A 31 -9.53 -9.88 4.16
CA LYS A 31 -10.00 -11.25 3.94
C LYS A 31 -10.60 -11.76 5.25
N GLU A 32 -9.73 -11.99 6.24
CA GLU A 32 -10.19 -12.40 7.56
C GLU A 32 -10.73 -11.10 8.12
N PHE A 33 -11.38 -11.11 9.28
CA PHE A 33 -11.92 -9.88 9.85
C PHE A 33 -12.90 -9.15 8.94
N SER A 34 -12.89 -9.49 7.66
CA SER A 34 -13.77 -8.86 6.67
C SER A 34 -14.12 -7.44 7.08
N ILE A 35 -13.21 -6.53 6.73
CA ILE A 35 -13.34 -5.11 7.05
C ILE A 35 -12.45 -4.34 6.09
N SER A 36 -12.90 -3.17 5.63
CA SER A 36 -12.10 -2.36 4.72
C SER A 36 -10.95 -1.69 5.48
N PHE A 37 -9.93 -1.25 4.77
CA PHE A 37 -8.81 -0.62 5.45
C PHE A 37 -9.18 0.71 6.08
N GLU A 38 -10.10 1.45 5.47
CA GLU A 38 -10.53 2.72 6.05
C GLU A 38 -11.22 2.43 7.38
N GLU A 39 -11.96 1.35 7.46
CA GLU A 39 -12.62 0.99 8.72
C GLU A 39 -11.53 0.69 9.75
N PHE A 40 -10.46 0.06 9.25
CA PHE A 40 -9.30 -0.30 10.05
C PHE A 40 -8.61 0.96 10.54
N ALA A 41 -8.38 1.91 9.63
CA ALA A 41 -7.74 3.17 9.97
C ALA A 41 -8.53 3.99 10.98
N VAL A 42 -9.86 3.99 10.85
CA VAL A 42 -10.69 4.72 11.79
C VAL A 42 -10.58 4.03 13.13
N LEU A 43 -10.74 2.71 13.11
CA LEU A 43 -10.65 1.95 14.34
C LEU A 43 -9.31 2.11 15.07
N THR A 44 -8.17 2.07 14.35
CA THR A 44 -6.91 2.22 15.07
C THR A 44 -6.68 3.66 15.50
N TYR A 45 -7.23 4.61 14.74
CA TYR A 45 -7.09 6.01 15.12
C TYR A 45 -7.81 6.21 16.45
N ILE A 46 -9.01 5.65 16.55
CA ILE A 46 -9.80 5.76 17.77
C ILE A 46 -9.06 5.13 18.93
N SER A 47 -8.42 3.98 18.68
CA SER A 47 -7.69 3.29 19.74
C SER A 47 -6.43 4.03 20.21
N GLU A 48 -5.82 4.79 19.31
CA GLU A 48 -4.59 5.52 19.65
C GLU A 48 -4.86 6.74 20.50
N ASN A 49 -5.89 7.49 20.13
CA ASN A 49 -6.26 8.70 20.85
C ASN A 49 -7.56 8.44 21.61
N LYS A 50 -7.48 7.56 22.61
CA LYS A 50 -8.64 7.21 23.41
C LYS A 50 -9.46 8.44 23.77
N GLU A 51 -10.78 8.31 23.67
CA GLU A 51 -11.69 9.40 23.98
C GLU A 51 -13.10 8.84 24.11
N LYS A 52 -14.05 9.70 24.45
CA LYS A 52 -15.45 9.31 24.59
C LYS A 52 -16.21 9.99 23.46
N GLU A 53 -15.67 11.12 23.03
CA GLU A 53 -16.27 11.92 21.97
C GLU A 53 -15.24 12.29 20.90
N TYR A 54 -15.55 11.99 19.64
CA TYR A 54 -14.66 12.29 18.53
C TYR A 54 -15.35 13.12 17.47
N TYR A 55 -14.61 14.08 16.90
CA TYR A 55 -15.13 14.94 15.85
C TYR A 55 -14.81 14.30 14.51
N LEU A 56 -15.83 13.85 13.80
CA LEU A 56 -15.61 13.23 12.49
C LEU A 56 -14.73 14.13 11.63
N LYS A 57 -14.64 15.40 12.01
CA LYS A 57 -13.83 16.36 11.28
C LYS A 57 -12.37 15.97 11.43
N ASP A 58 -11.92 15.88 12.68
CA ASP A 58 -10.54 15.52 13.00
C ASP A 58 -10.14 14.20 12.37
N ILE A 59 -10.94 13.16 12.62
CA ILE A 59 -10.66 11.84 12.08
C ILE A 59 -10.34 11.90 10.59
N ILE A 60 -11.21 12.57 9.83
CA ILE A 60 -11.00 12.70 8.39
C ILE A 60 -9.69 13.42 8.10
N ASN A 61 -9.35 14.39 8.95
CA ASN A 61 -8.13 15.16 8.79
C ASN A 61 -6.89 14.30 9.01
N HIS A 62 -6.88 13.59 10.12
CA HIS A 62 -5.73 12.75 10.46
C HIS A 62 -5.56 11.51 9.60
N LEU A 63 -6.56 11.18 8.80
CA LEU A 63 -6.47 10.03 7.91
C LEU A 63 -6.26 10.54 6.48
N ASN A 64 -5.88 9.64 5.58
CA ASN A 64 -5.66 10.01 4.18
C ASN A 64 -6.51 9.18 3.23
N TYR A 65 -7.82 9.15 3.46
CA TYR A 65 -8.72 8.37 2.60
C TYR A 65 -9.87 9.11 1.92
N LYS A 66 -9.93 10.44 2.06
CA LYS A 66 -11.02 11.21 1.45
C LYS A 66 -12.34 10.92 2.18
N GLN A 67 -13.06 11.98 2.53
CA GLN A 67 -14.33 11.87 3.25
C GLN A 67 -15.27 10.76 2.78
N PRO A 68 -15.54 10.69 1.47
CA PRO A 68 -16.43 9.65 0.94
C PRO A 68 -16.22 8.27 1.55
N GLN A 69 -14.99 7.78 1.52
CA GLN A 69 -14.65 6.46 2.07
C GLN A 69 -14.65 6.45 3.59
N VAL A 70 -14.19 7.54 4.19
CA VAL A 70 -14.13 7.65 5.65
C VAL A 70 -15.55 7.63 6.22
N VAL A 71 -16.40 8.56 5.79
CA VAL A 71 -17.78 8.63 6.28
C VAL A 71 -18.47 7.31 6.00
N LYS A 72 -18.12 6.71 4.87
CA LYS A 72 -18.67 5.42 4.46
C LYS A 72 -18.28 4.37 5.49
N ALA A 73 -17.05 4.48 5.99
CA ALA A 73 -16.53 3.55 7.00
C ALA A 73 -17.15 3.82 8.37
N VAL A 74 -17.21 5.09 8.75
CA VAL A 74 -17.80 5.47 10.03
C VAL A 74 -19.21 4.90 10.10
N LYS A 75 -19.96 5.12 9.03
CA LYS A 75 -21.33 4.66 8.89
C LYS A 75 -21.44 3.16 9.24
N ILE A 76 -20.74 2.33 8.48
CA ILE A 76 -20.77 0.89 8.70
C ILE A 76 -20.38 0.55 10.14
N LEU A 77 -19.20 1.02 10.55
CA LEU A 77 -18.72 0.77 11.91
C LEU A 77 -19.77 1.13 12.94
N SER A 78 -20.50 2.22 12.67
CA SER A 78 -21.55 2.70 13.56
C SER A 78 -22.66 1.67 13.71
N GLN A 79 -23.06 1.07 12.59
CA GLN A 79 -24.11 0.06 12.58
C GLN A 79 -23.60 -1.16 13.35
N GLU A 80 -22.38 -1.56 13.04
CA GLU A 80 -21.74 -2.70 13.70
C GLU A 80 -21.73 -2.41 15.20
N ASP A 81 -21.99 -1.16 15.53
CA ASP A 81 -22.05 -0.70 16.92
C ASP A 81 -20.69 -0.70 17.61
N TYR A 82 -19.71 -0.09 16.94
CA TYR A 82 -18.36 0.02 17.50
C TYR A 82 -18.33 1.35 18.22
N PHE A 83 -19.19 2.25 17.76
CA PHE A 83 -19.34 3.58 18.34
C PHE A 83 -20.69 4.10 17.85
N ASP A 84 -21.40 4.81 18.72
CA ASP A 84 -22.72 5.32 18.36
C ASP A 84 -22.70 6.25 17.15
N LYS A 85 -22.26 7.49 17.34
CA LYS A 85 -22.21 8.44 16.23
C LYS A 85 -23.63 8.78 15.84
N LYS A 86 -23.84 10.10 15.68
CA LYS A 86 -25.12 10.69 15.33
C LYS A 86 -24.89 11.77 14.27
N ARG A 87 -25.69 11.71 13.20
CA ARG A 87 -25.58 12.66 12.10
C ARG A 87 -26.22 14.00 12.44
N ASN A 88 -26.76 14.67 11.42
CA ASN A 88 -27.40 15.96 11.59
C ASN A 88 -28.65 16.08 10.71
N GLU A 89 -29.23 17.28 10.73
CA GLU A 89 -30.41 17.62 9.94
C GLU A 89 -29.92 18.88 9.24
N HIS A 90 -28.89 19.45 9.85
CA HIS A 90 -28.21 20.66 9.39
C HIS A 90 -27.02 20.88 10.33
N ASP A 91 -27.04 21.97 11.09
CA ASP A 91 -25.99 22.31 12.05
C ASP A 91 -24.55 22.24 11.57
N GLU A 92 -24.33 21.66 10.39
CA GLU A 92 -22.99 21.54 9.82
C GLU A 92 -21.98 20.87 10.74
N ARG A 93 -22.44 20.40 11.90
CA ARG A 93 -21.56 19.73 12.85
C ARG A 93 -21.06 18.44 12.21
N THR A 94 -21.57 18.16 11.02
CA THR A 94 -21.23 16.98 10.24
C THR A 94 -20.76 15.77 11.07
N VAL A 95 -21.69 15.18 11.80
CA VAL A 95 -21.42 14.00 12.62
C VAL A 95 -20.45 14.18 13.78
N LEU A 96 -20.70 13.42 14.85
CA LEU A 96 -19.88 13.40 16.04
C LEU A 96 -19.93 11.99 16.61
N ILE A 97 -18.80 11.29 16.49
CA ILE A 97 -18.69 9.91 16.94
C ILE A 97 -18.52 9.74 18.45
N LEU A 98 -19.34 8.87 19.01
CA LEU A 98 -19.33 8.60 20.44
C LEU A 98 -19.05 7.14 20.73
N VAL A 99 -18.06 6.90 21.58
CA VAL A 99 -17.69 5.54 21.97
C VAL A 99 -17.71 5.48 23.49
N ASN A 100 -18.80 4.91 24.03
CA ASN A 100 -18.99 4.81 25.47
C ASN A 100 -17.79 4.21 26.21
N ALA A 101 -17.91 2.96 26.63
CA ALA A 101 -16.82 2.29 27.35
C ALA A 101 -16.82 0.82 26.98
N GLN A 102 -18.00 0.28 26.74
CA GLN A 102 -18.14 -1.11 26.35
C GLN A 102 -17.73 -1.27 24.91
N GLN A 103 -18.16 -0.32 24.07
CA GLN A 103 -17.81 -0.34 22.66
C GLN A 103 -16.30 -0.28 22.53
N ARG A 104 -15.68 0.52 23.40
CA ARG A 104 -14.23 0.66 23.40
C ARG A 104 -13.58 -0.71 23.59
N LYS A 105 -14.11 -1.48 24.54
CA LYS A 105 -13.60 -2.81 24.82
C LYS A 105 -13.77 -3.69 23.59
N LYS A 106 -14.83 -3.44 22.84
CA LYS A 106 -15.12 -4.20 21.63
C LYS A 106 -14.06 -3.85 20.58
N ILE A 107 -13.79 -2.55 20.44
CA ILE A 107 -12.78 -2.06 19.50
C ILE A 107 -11.40 -2.65 19.81
N GLU A 108 -10.91 -2.38 21.01
CA GLU A 108 -9.61 -2.88 21.45
C GLU A 108 -9.48 -4.38 21.30
N SER A 109 -10.53 -5.09 21.67
CA SER A 109 -10.56 -6.55 21.56
C SER A 109 -10.31 -6.99 20.13
N LEU A 110 -10.98 -6.33 19.20
CA LEU A 110 -10.85 -6.64 17.79
C LEU A 110 -9.45 -6.28 17.29
N LEU A 111 -8.99 -5.08 17.62
CA LEU A 111 -7.66 -4.64 17.18
C LEU A 111 -6.60 -5.55 17.79
N SER A 112 -6.93 -6.12 18.96
CA SER A 112 -6.02 -7.01 19.66
C SER A 112 -5.89 -8.29 18.86
N ARG A 113 -7.00 -8.73 18.29
CA ARG A 113 -6.99 -9.95 17.48
C ARG A 113 -6.33 -9.67 16.13
N VAL A 114 -6.40 -8.42 15.68
CA VAL A 114 -5.77 -8.08 14.41
C VAL A 114 -4.27 -8.09 14.60
N ASN A 115 -3.82 -7.69 15.79
CA ASN A 115 -2.40 -7.69 16.14
C ASN A 115 -1.80 -9.09 16.11
N LYS A 116 -2.54 -10.08 16.62
CA LYS A 116 -2.07 -11.46 16.61
C LYS A 116 -2.02 -12.02 15.19
N ARG A 117 -2.92 -11.60 14.31
CA ARG A 117 -2.88 -12.10 12.94
C ARG A 117 -1.66 -11.55 12.22
N ILE A 118 -1.33 -10.30 12.51
CA ILE A 118 -0.16 -9.65 11.90
C ILE A 118 1.11 -10.46 12.23
N THR A 119 1.22 -10.90 13.48
CA THR A 119 2.37 -11.67 13.93
C THR A 119 2.46 -13.02 13.22
N GLU A 120 1.33 -13.71 13.12
CA GLU A 120 1.30 -14.98 12.41
C GLU A 120 1.67 -14.70 10.95
N ALA A 121 1.19 -13.58 10.42
CA ALA A 121 1.48 -13.18 9.05
C ALA A 121 2.96 -12.90 8.84
N ASN A 122 3.62 -12.26 9.82
CA ASN A 122 5.03 -11.97 9.66
C ASN A 122 5.87 -13.24 9.69
N ASN A 123 5.27 -14.37 10.11
CA ASN A 123 6.01 -15.62 10.15
C ASN A 123 5.82 -16.41 8.85
N GLU A 124 4.70 -16.18 8.17
CA GLU A 124 4.44 -16.84 6.89
C GLU A 124 5.03 -16.00 5.77
N ILE A 125 4.54 -14.77 5.62
CA ILE A 125 5.00 -13.84 4.59
C ILE A 125 6.46 -14.07 4.25
N GLU A 126 7.35 -13.49 5.06
CA GLU A 126 8.79 -13.62 4.87
C GLU A 126 9.19 -13.72 3.39
N LEU A 127 9.18 -12.59 2.70
CA LEU A 127 9.55 -12.53 1.29
C LEU A 127 10.91 -11.83 1.17
N GLY B 1 21.47 -9.07 0.93
CA GLY B 1 22.72 -8.82 0.14
C GLY B 1 22.80 -7.41 -0.43
N SER B 2 21.75 -7.00 -1.12
CA SER B 2 21.71 -5.65 -1.69
C SER B 2 20.38 -5.05 -1.30
N HIS B 3 20.38 -3.77 -0.94
CA HIS B 3 19.15 -3.06 -0.56
C HIS B 3 18.71 -3.30 0.86
N MET B 4 18.42 -2.21 1.56
CA MET B 4 17.95 -2.27 2.91
C MET B 4 16.67 -3.11 2.98
N ALA B 5 16.67 -4.10 3.88
CA ALA B 5 15.52 -4.96 4.09
C ALA B 5 14.43 -4.10 4.71
N ILE B 6 13.18 -4.51 4.55
CA ILE B 6 12.09 -3.77 5.13
C ILE B 6 11.85 -4.34 6.53
N THR B 7 11.76 -3.46 7.51
CA THR B 7 11.53 -3.88 8.87
C THR B 7 10.05 -4.18 9.03
N LYS B 8 9.77 -5.27 9.71
CA LYS B 8 8.41 -5.69 9.98
C LYS B 8 7.75 -4.83 11.06
N ILE B 9 6.44 -4.68 10.98
CA ILE B 9 5.70 -3.94 11.97
C ILE B 9 5.04 -5.03 12.80
N ASN B 10 4.54 -4.70 13.99
CA ASN B 10 3.92 -5.74 14.80
C ASN B 10 2.59 -5.28 15.45
N ASP B 11 2.05 -4.15 14.99
CA ASP B 11 0.76 -3.71 15.52
C ASP B 11 0.04 -2.81 14.53
N CYS B 12 -1.25 -2.61 14.76
CA CYS B 12 -2.11 -1.84 13.86
C CYS B 12 -1.67 -0.44 13.50
N PHE B 13 -1.27 0.33 14.50
CA PHE B 13 -0.82 1.68 14.24
C PHE B 13 0.40 1.73 13.33
N GLU B 14 1.31 0.77 13.47
CA GLU B 14 2.50 0.76 12.64
C GLU B 14 2.14 0.35 11.22
N LEU B 15 1.16 -0.54 11.11
CA LEU B 15 0.72 -1.00 9.81
C LEU B 15 0.15 0.21 9.09
N LEU B 16 -0.79 0.90 9.75
CA LEU B 16 -1.44 2.05 9.18
C LEU B 16 -0.41 3.08 8.69
N SER B 17 0.59 3.37 9.51
CA SER B 17 1.61 4.32 9.13
C SER B 17 2.36 3.84 7.90
N MET B 18 2.73 2.56 7.90
CA MET B 18 3.47 2.04 6.77
C MET B 18 2.68 2.21 5.48
N VAL B 19 1.40 1.86 5.52
CA VAL B 19 0.53 1.99 4.37
C VAL B 19 0.39 3.46 3.95
N THR B 20 0.16 4.34 4.92
CA THR B 20 0.02 5.76 4.61
C THR B 20 1.27 6.23 3.87
N TYR B 21 2.44 5.89 4.40
CA TYR B 21 3.69 6.29 3.78
C TYR B 21 3.88 5.63 2.40
N ALA B 22 3.50 4.37 2.27
CA ALA B 22 3.66 3.71 0.99
C ALA B 22 2.70 4.26 -0.05
N ASP B 23 1.46 4.55 0.38
CA ASP B 23 0.46 5.07 -0.56
C ASP B 23 0.91 6.42 -1.11
N LYS B 24 1.46 7.28 -0.25
CA LYS B 24 1.92 8.57 -0.70
C LYS B 24 3.00 8.43 -1.76
N LEU B 25 4.01 7.61 -1.50
CA LEU B 25 5.05 7.45 -2.50
C LEU B 25 4.48 6.85 -3.79
N LYS B 26 3.52 5.92 -3.67
CA LYS B 26 2.94 5.31 -4.86
C LYS B 26 2.19 6.33 -5.72
N SER B 27 1.31 7.11 -5.09
CA SER B 27 0.52 8.09 -5.81
C SER B 27 1.39 9.14 -6.47
N LEU B 28 2.49 9.49 -5.82
CA LEU B 28 3.41 10.49 -6.38
C LEU B 28 4.06 9.94 -7.64
N ILE B 29 4.65 8.77 -7.53
CA ILE B 29 5.29 8.15 -8.67
C ILE B 29 4.31 8.06 -9.83
N LYS B 30 3.05 7.80 -9.53
CA LYS B 30 2.03 7.72 -10.57
C LYS B 30 1.67 9.12 -11.09
N LYS B 31 1.33 10.03 -10.18
CA LYS B 31 0.99 11.40 -10.53
C LYS B 31 2.09 11.91 -11.47
N GLU B 32 3.28 12.12 -10.92
CA GLU B 32 4.42 12.53 -11.73
C GLU B 32 4.79 11.24 -12.46
N PHE B 33 5.70 11.28 -13.41
CA PHE B 33 6.07 10.04 -14.12
C PHE B 33 4.91 9.33 -14.81
N SER B 34 3.68 9.68 -14.42
CA SER B 34 2.48 9.09 -14.98
C SER B 34 2.74 7.67 -15.46
N ILE B 35 2.67 6.74 -14.51
CA ILE B 35 2.92 5.33 -14.77
C ILE B 35 2.26 4.54 -13.65
N SER B 36 1.68 3.38 -13.96
CA SER B 36 1.02 2.56 -12.94
C SER B 36 2.08 1.86 -12.09
N PHE B 37 1.68 1.39 -10.92
CA PHE B 37 2.65 0.74 -10.06
C PHE B 37 3.13 -0.59 -10.61
N GLU B 38 2.26 -1.30 -11.34
CA GLU B 38 2.68 -2.56 -11.93
C GLU B 38 3.76 -2.28 -12.96
N GLU B 39 3.63 -1.16 -13.68
CA GLU B 39 4.64 -0.81 -14.68
C GLU B 39 5.94 -0.54 -13.93
N PHE B 40 5.80 0.06 -12.74
CA PHE B 40 6.92 0.40 -11.88
C PHE B 40 7.57 -0.89 -11.38
N ALA B 41 6.74 -1.82 -10.92
CA ALA B 41 7.24 -3.12 -10.42
C ALA B 41 7.98 -3.91 -11.51
N VAL B 42 7.46 -3.87 -12.74
CA VAL B 42 8.10 -4.60 -13.81
C VAL B 42 9.42 -3.92 -14.09
N LEU B 43 9.37 -2.60 -14.19
CA LEU B 43 10.58 -1.84 -14.46
C LEU B 43 11.68 -2.03 -13.40
N THR B 44 11.33 -2.01 -12.11
CA THR B 44 12.37 -2.19 -11.10
C THR B 44 12.83 -3.64 -11.03
N TYR B 45 11.94 -4.57 -11.36
CA TYR B 45 12.32 -5.98 -11.37
C TYR B 45 13.38 -6.18 -12.45
N ILE B 46 13.15 -5.58 -13.61
CA ILE B 46 14.06 -5.68 -14.73
C ILE B 46 15.41 -5.08 -14.35
N SER B 47 15.36 -3.95 -13.63
CA SER B 47 16.59 -3.28 -13.23
C SER B 47 17.40 -4.04 -12.18
N GLU B 48 16.73 -4.81 -11.34
CA GLU B 48 17.39 -5.58 -10.30
C GLU B 48 18.12 -6.80 -10.83
N ASN B 49 17.45 -7.52 -11.72
CA ASN B 49 18.00 -8.73 -12.31
C ASN B 49 18.36 -8.43 -13.76
N LYS B 50 19.35 -7.57 -13.96
CA LYS B 50 19.79 -7.20 -15.30
C LYS B 50 19.87 -8.41 -16.21
N GLU B 51 19.39 -8.24 -17.44
CA GLU B 51 19.41 -9.33 -18.43
C GLU B 51 19.13 -8.72 -19.81
N LYS B 52 19.17 -9.56 -20.82
CA LYS B 52 18.89 -9.15 -22.20
C LYS B 52 17.58 -9.80 -22.62
N GLU B 53 17.31 -10.94 -22.00
CA GLU B 53 16.11 -11.72 -22.27
C GLU B 53 15.39 -12.10 -20.99
N TYR B 54 14.10 -11.78 -20.92
CA TYR B 54 13.30 -12.11 -19.74
C TYR B 54 12.06 -12.92 -20.10
N TYR B 55 11.72 -13.88 -19.25
CA TYR B 55 10.56 -14.73 -19.45
C TYR B 55 9.38 -14.09 -18.74
N LEU B 56 8.41 -13.60 -19.50
CA LEU B 56 7.23 -12.99 -18.90
C LEU B 56 6.65 -13.91 -17.83
N LYS B 57 7.02 -15.18 -17.89
CA LYS B 57 6.55 -16.15 -16.91
C LYS B 57 7.12 -15.80 -15.55
N ASP B 58 8.45 -15.72 -15.48
CA ASP B 58 9.16 -15.40 -14.25
C ASP B 58 8.69 -14.08 -13.66
N ILE B 59 8.73 -13.02 -14.46
CA ILE B 59 8.30 -11.71 -14.01
C ILE B 59 6.96 -11.77 -13.28
N ILE B 60 5.98 -12.41 -13.90
CA ILE B 60 4.67 -12.55 -13.29
C ILE B 60 4.76 -13.30 -11.97
N ASN B 61 5.65 -14.28 -11.91
CA ASN B 61 5.85 -15.07 -10.70
C ASN B 61 6.42 -14.25 -9.56
N HIS B 62 7.51 -13.54 -9.85
CA HIS B 62 8.17 -12.73 -8.85
C HIS B 62 7.41 -11.49 -8.41
N LEU B 63 6.36 -11.13 -9.13
CA LEU B 63 5.56 -9.98 -8.75
C LEU B 63 4.24 -10.47 -8.15
N ASN B 64 3.50 -9.59 -7.50
CA ASN B 64 2.23 -9.95 -6.89
C ASN B 64 1.07 -9.10 -7.41
N TYR B 65 0.90 -9.03 -8.74
CA TYR B 65 -0.16 -8.23 -9.31
C TYR B 65 -1.16 -8.93 -10.25
N LYS B 66 -1.07 -10.26 -10.36
CA LYS B 66 -1.97 -11.01 -11.25
C LYS B 66 -1.66 -10.69 -12.71
N GLN B 67 -1.54 -11.74 -13.53
CA GLN B 67 -1.22 -11.61 -14.96
C GLN B 67 -1.93 -10.47 -15.69
N PRO B 68 -3.26 -10.38 -15.56
CA PRO B 68 -4.02 -9.31 -16.23
C PRO B 68 -3.36 -7.94 -16.19
N GLN B 69 -3.01 -7.48 -14.98
CA GLN B 69 -2.38 -6.19 -14.79
C GLN B 69 -0.92 -6.18 -15.24
N VAL B 70 -0.23 -7.30 -15.00
CA VAL B 70 1.18 -7.41 -15.38
C VAL B 70 1.32 -7.34 -16.90
N VAL B 71 0.65 -8.26 -17.60
CA VAL B 71 0.72 -8.29 -19.07
C VAL B 71 0.26 -6.96 -19.62
N LYS B 72 -0.71 -6.36 -18.95
CA LYS B 72 -1.26 -5.05 -19.32
C LYS B 72 -0.14 -4.02 -19.22
N ALA B 73 0.71 -4.17 -18.20
CA ALA B 73 1.83 -3.26 -17.97
C ALA B 73 2.95 -3.52 -18.97
N VAL B 74 3.29 -4.79 -19.17
CA VAL B 74 4.33 -5.17 -20.11
C VAL B 74 4.00 -4.56 -21.46
N LYS B 75 2.75 -4.76 -21.88
CA LYS B 75 2.23 -4.26 -23.14
C LYS B 75 2.54 -2.77 -23.32
N ILE B 76 2.03 -1.95 -22.41
CA ILE B 76 2.25 -0.51 -22.47
C ILE B 76 3.75 -0.19 -22.51
N LEU B 77 4.48 -0.69 -21.52
CA LEU B 77 5.91 -0.45 -21.45
C LEU B 77 6.60 -0.80 -22.76
N SER B 78 6.10 -1.86 -23.40
CA SER B 78 6.65 -2.32 -24.68
C SER B 78 6.48 -1.27 -25.76
N GLN B 79 5.30 -0.65 -25.80
CA GLN B 79 4.99 0.38 -26.78
C GLN B 79 5.89 1.58 -26.49
N GLU B 80 5.97 1.95 -25.22
CA GLU B 80 6.79 3.06 -24.78
C GLU B 80 8.23 2.77 -25.21
N ASP B 81 8.46 1.52 -25.60
CA ASP B 81 9.76 1.06 -26.06
C ASP B 81 10.82 1.03 -24.96
N TYR B 82 10.46 0.40 -23.84
CA TYR B 82 11.38 0.25 -22.72
C TYR B 82 12.06 -1.09 -22.92
N PHE B 83 11.36 -1.96 -23.63
CA PHE B 83 11.85 -3.29 -23.98
C PHE B 83 10.98 -3.78 -25.13
N ASP B 84 11.59 -4.47 -26.08
CA ASP B 84 10.86 -4.95 -27.25
C ASP B 84 9.70 -5.87 -26.90
N LYS B 85 9.99 -7.14 -26.57
CA LYS B 85 8.91 -8.09 -26.23
C LYS B 85 7.98 -8.28 -27.43
N LYS B 86 7.19 -9.36 -27.50
CA LYS B 86 6.27 -9.47 -28.64
C LYS B 86 5.17 -10.53 -28.69
N ARG B 87 4.92 -11.25 -27.60
CA ARG B 87 3.86 -12.27 -27.58
C ARG B 87 4.02 -13.30 -28.71
N ASN B 88 2.96 -14.07 -28.91
CA ASN B 88 2.90 -15.10 -29.95
C ASN B 88 4.22 -15.82 -30.18
N GLU B 89 4.42 -16.94 -29.49
CA GLU B 89 5.64 -17.74 -29.63
C GLU B 89 5.34 -19.22 -29.41
N HIS B 90 4.05 -19.52 -29.32
CA HIS B 90 3.50 -20.87 -29.15
C HIS B 90 4.15 -21.85 -28.18
N ASP B 91 3.36 -22.86 -27.82
CA ASP B 91 3.75 -23.93 -26.89
C ASP B 91 4.59 -23.46 -25.70
N GLU B 92 5.18 -24.42 -24.98
CA GLU B 92 6.00 -24.11 -23.82
C GLU B 92 5.13 -23.31 -22.84
N ARG B 93 5.76 -22.44 -22.08
CA ARG B 93 5.05 -21.57 -21.15
C ARG B 93 4.54 -20.43 -22.03
N THR B 94 4.34 -19.23 -21.48
CA THR B 94 3.85 -18.14 -22.31
C THR B 94 4.60 -16.81 -22.30
N VAL B 95 4.76 -16.26 -23.50
CA VAL B 95 5.42 -14.98 -23.75
C VAL B 95 6.82 -14.77 -23.17
N LEU B 96 7.54 -13.82 -23.75
CA LEU B 96 8.89 -13.45 -23.34
C LEU B 96 9.12 -12.00 -23.78
N ILE B 97 10.06 -11.30 -23.14
CA ILE B 97 10.35 -9.91 -23.50
C ILE B 97 11.84 -9.65 -23.73
N LEU B 98 12.13 -8.70 -24.61
CA LEU B 98 13.50 -8.36 -24.96
C LEU B 98 13.88 -6.95 -24.50
N VAL B 99 14.98 -6.85 -23.75
CA VAL B 99 15.43 -5.56 -23.27
C VAL B 99 16.69 -5.12 -24.00
N ASN B 100 16.51 -4.31 -25.03
CA ASN B 100 17.64 -3.80 -25.79
C ASN B 100 18.59 -3.12 -24.83
N ALA B 101 19.86 -3.49 -24.89
CA ALA B 101 20.87 -2.92 -24.02
C ALA B 101 20.83 -1.39 -23.98
N GLN B 102 20.14 -0.78 -24.95
CA GLN B 102 20.04 0.68 -25.02
C GLN B 102 18.72 1.21 -24.48
N GLN B 103 17.72 0.33 -24.38
CA GLN B 103 16.41 0.68 -23.86
C GLN B 103 16.59 0.74 -22.35
N ARG B 104 17.72 0.20 -21.91
CA ARG B 104 18.07 0.15 -20.50
C ARG B 104 18.51 1.52 -20.01
N LYS B 105 18.91 2.37 -20.96
CA LYS B 105 19.30 3.74 -20.61
C LYS B 105 18.00 4.45 -20.29
N LYS B 106 16.96 4.06 -20.99
CA LYS B 106 15.63 4.64 -20.83
C LYS B 106 15.03 4.24 -19.48
N ILE B 107 15.27 3.01 -19.07
CA ILE B 107 14.74 2.49 -17.82
C ILE B 107 15.48 2.97 -16.58
N GLU B 108 16.77 2.70 -16.51
CA GLU B 108 17.55 3.10 -15.36
C GLU B 108 17.57 4.60 -15.15
N SER B 109 17.31 5.36 -16.21
CA SER B 109 17.29 6.81 -16.10
C SER B 109 15.96 7.19 -15.46
N LEU B 110 14.92 6.46 -15.85
CA LEU B 110 13.58 6.69 -15.32
C LEU B 110 13.60 6.34 -13.83
N LEU B 111 14.24 5.21 -13.52
CA LEU B 111 14.36 4.77 -12.14
C LEU B 111 15.30 5.68 -11.34
N SER B 112 16.26 6.32 -11.99
CA SER B 112 17.17 7.22 -11.29
C SER B 112 16.41 8.47 -10.92
N ARG B 113 15.46 8.83 -11.77
CA ARG B 113 14.67 10.01 -11.50
C ARG B 113 13.63 9.70 -10.44
N VAL B 114 13.19 8.44 -10.37
CA VAL B 114 12.22 8.11 -9.33
C VAL B 114 12.95 8.04 -8.00
N ASN B 115 14.18 7.56 -8.00
CA ASN B 115 14.96 7.52 -6.76
C ASN B 115 15.14 8.95 -6.22
N LYS B 116 15.38 9.92 -7.10
CA LYS B 116 15.54 11.30 -6.65
C LYS B 116 14.22 11.86 -6.08
N ARG B 117 13.10 11.54 -6.69
CA ARG B 117 11.81 12.03 -6.18
C ARG B 117 11.49 11.41 -4.84
N ILE B 118 11.91 10.15 -4.65
CA ILE B 118 11.67 9.43 -3.40
C ILE B 118 12.40 10.10 -2.22
N THR B 119 13.65 10.51 -2.43
CA THR B 119 14.38 11.11 -1.32
C THR B 119 13.85 12.52 -1.06
N GLU B 120 13.36 13.15 -2.10
CA GLU B 120 12.78 14.46 -1.95
C GLU B 120 11.49 14.30 -1.15
N ALA B 121 10.68 13.31 -1.52
CA ALA B 121 9.43 13.05 -0.80
C ALA B 121 9.70 12.70 0.66
N ASN B 122 10.77 11.98 0.94
CA ASN B 122 11.09 11.63 2.34
C ASN B 122 11.37 12.91 3.13
N ASN B 123 12.05 13.87 2.50
CA ASN B 123 12.37 15.14 3.14
C ASN B 123 11.10 15.95 3.32
N GLU B 124 10.16 15.77 2.38
CA GLU B 124 8.91 16.48 2.43
C GLU B 124 7.99 15.91 3.50
N ILE B 125 7.01 15.13 3.08
CA ILE B 125 6.03 14.51 3.98
C ILE B 125 6.47 14.37 5.44
N GLU B 126 7.45 13.51 5.67
CA GLU B 126 7.97 13.26 7.01
C GLU B 126 6.90 13.43 8.08
N LEU B 127 5.71 12.90 7.82
CA LEU B 127 4.61 12.99 8.77
C LEU B 127 4.78 11.95 9.88
CA CA C . 19.41 1.96 -1.31
CA CA D . 5.01 -1.55 18.07
#